data_6QTU
#
_entry.id   6QTU
#
_cell.length_a   48.679
_cell.length_b   54.992
_cell.length_c   102.664
_cell.angle_alpha   90.000
_cell.angle_beta   90.000
_cell.angle_gamma   90.000
#
_symmetry.space_group_name_H-M   'P 21 21 21'
#
loop_
_entity.id
_entity.type
_entity.pdbx_description
1 polymer 'E3 ubiquitin-protein ligase COP1'
2 polymer 'B-box zinc finger protein 24'
3 non-polymer 'MALONATE ION'
4 non-polymer GLYCEROL
5 water water
#
loop_
_entity_poly.entity_id
_entity_poly.type
_entity_poly.pdbx_seq_one_letter_code
_entity_poly.pdbx_strand_id
1 'polypeptide(L)'
;GAMTFTRYSRLRVIAEIRHGDIFHSANIVSSIEFDRDDELFATAGVSRCIKVFDFSSVVNEPADMQCPIVEMSTRSKLSC
LSWNKHEKNHIASSDYEGIVTVWDVTTRQSLMEYEEHEKRAWSVDFSRTEPSMLVSGSDDCKVKVWCTRQEASVINIDMK
ANIC(CSO)VKYNPGSSNYIAVGSADHHIHYYDLRNISQPLHVFSGHKKAVSYVKFLSNNELASASTDSTLRLWDVKDNL
PVRTFRGHTNEKNFVGLTVNSEYLACGSETNEVYVYHKEITRPVTSHRFGSPDMDDAEEEAGSYFISAVCWKSDSPTMLT
ANSQGTIKVLVLAA
;
A
2 'polypeptide(L)' (ACE)EHFIVPDLY B
#
loop_
_chem_comp.id
_chem_comp.type
_chem_comp.name
_chem_comp.formula
ACE non-polymer 'ACETYL GROUP' 'C2 H4 O'
GOL non-polymer GLYCEROL 'C3 H8 O3'
MLI non-polymer 'MALONATE ION' 'C3 H2 O4 -2'
#
# COMPACT_ATOMS: atom_id res chain seq x y z
N ALA A 2 27.59 0.13 -0.06
CA ALA A 2 26.55 -0.82 -0.43
C ALA A 2 26.89 -2.18 0.17
N MET A 3 28.15 -2.60 -0.04
CA MET A 3 28.62 -3.86 0.53
C MET A 3 28.28 -3.95 2.01
N THR A 4 28.44 -2.85 2.73
CA THR A 4 28.26 -2.86 4.18
C THR A 4 26.82 -3.13 4.57
N PHE A 5 25.88 -2.75 3.71
CA PHE A 5 24.46 -2.82 4.04
C PHE A 5 23.72 -3.95 3.37
N THR A 6 24.09 -4.33 2.14
CA THR A 6 23.34 -5.33 1.40
C THR A 6 24.22 -6.48 0.96
N ARG A 7 23.64 -7.68 1.00
CA ARG A 7 24.26 -8.93 0.59
C ARG A 7 23.47 -9.59 -0.52
N TYR A 8 22.61 -8.85 -1.19
CA TYR A 8 21.74 -9.37 -2.22
C TYR A 8 22.07 -8.73 -3.57
N SER A 9 21.85 -9.51 -4.62
CA SER A 9 22.07 -9.00 -5.97
C SER A 9 20.93 -9.31 -6.92
N ARG A 10 19.97 -10.14 -6.52
CA ARG A 10 18.94 -10.57 -7.45
C ARG A 10 17.66 -10.89 -6.68
N LEU A 11 16.57 -11.06 -7.43
CA LEU A 11 15.30 -11.56 -6.92
C LEU A 11 15.03 -12.88 -7.62
N ARG A 12 14.83 -13.94 -6.83
CA ARG A 12 14.48 -15.24 -7.35
C ARG A 12 12.96 -15.42 -7.34
N VAL A 13 12.42 -15.97 -8.42
CA VAL A 13 11.02 -16.31 -8.47
C VAL A 13 10.86 -17.68 -7.81
N ILE A 14 10.07 -17.74 -6.75
CA ILE A 14 9.79 -19.02 -6.09
C ILE A 14 8.39 -19.54 -6.34
N ALA A 15 7.49 -18.72 -6.88
CA ALA A 15 6.17 -19.19 -7.24
C ALA A 15 5.51 -18.16 -8.16
N GLU A 16 4.61 -18.64 -9.01
CA GLU A 16 3.88 -17.78 -9.93
C GLU A 16 2.45 -18.32 -10.05
N ILE A 17 1.48 -17.42 -9.93
CA ILE A 17 0.08 -17.71 -10.20
C ILE A 17 -0.27 -16.90 -11.44
N ARG A 18 -0.56 -17.59 -12.54
CA ARG A 18 -0.78 -16.91 -13.83
C ARG A 18 -2.24 -16.50 -13.96
N ASN A 27 -6.20 -6.84 -16.42
CA ASN A 27 -6.79 -7.30 -15.17
C ASN A 27 -5.91 -6.90 -14.00
N ILE A 28 -5.85 -5.59 -13.77
CA ILE A 28 -4.92 -5.00 -12.82
C ILE A 28 -5.21 -5.49 -11.41
N VAL A 29 -4.16 -5.95 -10.73
CA VAL A 29 -4.21 -6.22 -9.29
C VAL A 29 -3.71 -4.96 -8.59
N SER A 30 -4.62 -4.26 -7.92
CA SER A 30 -4.27 -3.02 -7.28
C SER A 30 -3.74 -3.20 -5.87
N SER A 31 -3.88 -4.36 -5.28
CA SER A 31 -3.49 -4.55 -3.89
C SER A 31 -3.18 -6.02 -3.69
N ILE A 32 -2.08 -6.27 -2.99
CA ILE A 32 -1.70 -7.60 -2.56
C ILE A 32 -1.13 -7.45 -1.14
N GLU A 33 -1.71 -8.19 -0.19
CA GLU A 33 -1.38 -7.94 1.21
C GLU A 33 -1.42 -9.22 2.03
N PHE A 34 -0.47 -9.36 2.95
CA PHE A 34 -0.48 -10.46 3.91
C PHE A 34 -1.37 -10.18 5.11
N ASP A 35 -1.94 -11.24 5.67
CA ASP A 35 -2.67 -11.15 6.93
C ASP A 35 -1.71 -10.96 8.11
N ARG A 36 -2.31 -10.91 9.31
CA ARG A 36 -1.60 -10.57 10.54
C ARG A 36 -0.39 -11.47 10.78
N ASP A 37 -0.45 -12.73 10.33
CA ASP A 37 0.56 -13.72 10.63
C ASP A 37 1.40 -14.08 9.41
N ASP A 38 1.27 -13.33 8.33
CA ASP A 38 1.91 -13.66 7.06
C ASP A 38 1.58 -15.09 6.63
N GLU A 39 0.37 -15.56 6.93
CA GLU A 39 -0.07 -16.91 6.57
C GLU A 39 -0.91 -16.91 5.31
N LEU A 40 -1.91 -16.03 5.23
CA LEU A 40 -2.72 -15.85 4.05
C LEU A 40 -2.34 -14.53 3.42
N PHE A 41 -2.62 -14.42 2.12
CA PHE A 41 -2.54 -13.13 1.44
C PHE A 41 -3.78 -12.95 0.58
N ALA A 42 -4.09 -11.70 0.30
CA ALA A 42 -5.28 -11.36 -0.47
C ALA A 42 -4.91 -10.43 -1.60
N THR A 43 -5.66 -10.56 -2.72
CA THR A 43 -5.48 -9.72 -3.90
C THR A 43 -6.82 -9.10 -4.25
N ALA A 44 -6.78 -7.94 -4.90
CA ALA A 44 -7.99 -7.28 -5.36
C ALA A 44 -7.62 -6.31 -6.47
N GLY A 45 -8.61 -5.94 -7.27
CA GLY A 45 -8.40 -4.96 -8.32
C GLY A 45 -9.61 -4.73 -9.18
N VAL A 46 -9.38 -4.65 -10.50
CA VAL A 46 -10.44 -4.27 -11.40
C VAL A 46 -11.49 -5.38 -11.57
N SER A 47 -11.16 -6.63 -11.25
CA SER A 47 -12.09 -7.71 -11.47
C SER A 47 -13.20 -7.79 -10.41
N ARG A 48 -13.22 -6.89 -9.43
CA ARG A 48 -14.33 -6.81 -8.47
C ARG A 48 -14.43 -8.08 -7.64
N CYS A 49 -13.30 -8.61 -7.22
CA CYS A 49 -13.25 -9.84 -6.44
CA CYS A 49 -13.31 -9.77 -6.35
C CYS A 49 -12.04 -9.78 -5.52
N ILE A 50 -12.26 -10.02 -4.23
CA ILE A 50 -11.15 -10.15 -3.28
C ILE A 50 -10.86 -11.63 -3.18
N LYS A 51 -9.64 -12.03 -3.52
CA LYS A 51 -9.26 -13.44 -3.48
C LYS A 51 -8.23 -13.63 -2.39
N VAL A 52 -8.39 -14.70 -1.62
CA VAL A 52 -7.51 -15.02 -0.50
C VAL A 52 -6.81 -16.34 -0.80
N PHE A 53 -5.49 -16.34 -0.62
CA PHE A 53 -4.65 -17.49 -0.89
C PHE A 53 -3.86 -17.87 0.35
N ASP A 54 -3.49 -19.15 0.45
CA ASP A 54 -2.62 -19.65 1.51
C ASP A 54 -1.18 -19.58 1.02
N PHE A 55 -0.34 -18.80 1.69
CA PHE A 55 1.00 -18.57 1.20
C PHE A 55 1.80 -19.87 1.05
N SER A 56 1.80 -20.70 2.09
CA SER A 56 2.56 -21.95 2.05
CA SER A 56 2.59 -21.93 2.02
C SER A 56 2.11 -22.82 0.88
N SER A 57 0.79 -22.88 0.64
CA SER A 57 0.31 -23.72 -0.45
C SER A 57 0.81 -23.18 -1.78
N VAL A 58 0.78 -21.87 -1.95
CA VAL A 58 1.25 -21.25 -3.19
C VAL A 58 2.72 -21.60 -3.43
N VAL A 59 3.53 -21.55 -2.37
CA VAL A 59 4.97 -21.80 -2.53
CA VAL A 59 4.97 -21.79 -2.54
C VAL A 59 5.24 -23.28 -2.79
N ASN A 60 4.48 -24.16 -2.15
CA ASN A 60 4.77 -25.59 -2.21
C ASN A 60 4.19 -26.29 -3.43
N GLU A 61 3.12 -25.80 -4.01
CA GLU A 61 2.35 -26.55 -4.97
C GLU A 61 2.42 -25.94 -6.38
N PRO A 62 2.02 -26.70 -7.40
CA PRO A 62 1.97 -26.15 -8.77
C PRO A 62 0.81 -25.20 -9.00
N GLN A 66 -3.01 -23.97 -8.22
CA GLN A 66 -3.26 -22.76 -7.45
C GLN A 66 -4.73 -22.37 -7.50
N CYS A 67 -5.34 -22.19 -6.32
CA CYS A 67 -6.73 -21.79 -6.24
CA CYS A 67 -6.76 -21.80 -6.23
C CYS A 67 -6.95 -21.01 -4.96
N PRO A 68 -7.72 -19.92 -4.99
CA PRO A 68 -7.97 -19.19 -3.74
C PRO A 68 -8.80 -20.02 -2.79
N ILE A 69 -8.58 -19.82 -1.49
CA ILE A 69 -9.41 -20.46 -0.48
C ILE A 69 -10.69 -19.69 -0.17
N VAL A 70 -10.75 -18.42 -0.53
CA VAL A 70 -11.96 -17.60 -0.39
C VAL A 70 -11.97 -16.62 -1.56
N GLU A 71 -13.15 -16.32 -2.07
CA GLU A 71 -13.35 -15.22 -3.01
C GLU A 71 -14.62 -14.48 -2.60
N MET A 72 -14.54 -13.15 -2.59
CA MET A 72 -15.68 -12.29 -2.27
C MET A 72 -15.90 -11.31 -3.41
N SER A 73 -17.08 -11.36 -4.02
CA SER A 73 -17.44 -10.44 -5.09
C SER A 73 -17.82 -9.09 -4.54
N THR A 74 -17.47 -8.02 -5.26
CA THR A 74 -17.73 -6.66 -4.81
C THR A 74 -18.56 -5.91 -5.84
N ARG A 75 -19.16 -4.81 -5.38
CA ARG A 75 -19.99 -3.98 -6.24
C ARG A 75 -19.18 -3.03 -7.11
N SER A 76 -17.89 -2.84 -6.82
CA SER A 76 -17.09 -1.86 -7.51
CA SER A 76 -17.08 -1.82 -7.46
C SER A 76 -15.64 -2.32 -7.55
N LYS A 77 -14.89 -1.75 -8.50
CA LYS A 77 -13.47 -2.05 -8.60
C LYS A 77 -12.78 -1.64 -7.32
N LEU A 78 -11.80 -2.43 -6.91
CA LEU A 78 -11.09 -2.21 -5.65
C LEU A 78 -9.77 -1.52 -5.89
N SER A 79 -9.45 -0.57 -5.01
CA SER A 79 -8.19 0.15 -5.08
CA SER A 79 -8.19 0.14 -5.07
C SER A 79 -7.17 -0.26 -4.02
N CYS A 80 -7.61 -0.81 -2.88
CA CYS A 80 -6.67 -1.09 -1.79
C CYS A 80 -7.30 -2.05 -0.80
N LEU A 81 -6.42 -2.84 -0.16
CA LEU A 81 -6.80 -3.74 0.91
C LEU A 81 -5.93 -3.49 2.13
N SER A 82 -6.47 -3.79 3.32
CA SER A 82 -5.69 -3.73 4.55
C SER A 82 -6.26 -4.74 5.53
N TRP A 83 -5.45 -5.72 5.92
CA TRP A 83 -5.90 -6.70 6.88
C TRP A 83 -5.87 -6.10 8.29
N ASN A 84 -6.78 -6.58 9.14
CA ASN A 84 -6.77 -6.16 10.53
C ASN A 84 -5.58 -6.78 11.24
N LYS A 85 -5.00 -6.02 12.16
CA LYS A 85 -3.78 -6.45 12.81
C LYS A 85 -4.04 -7.25 14.06
N HIS A 86 -5.30 -7.35 14.48
CA HIS A 86 -5.69 -8.09 15.67
C HIS A 86 -6.66 -9.22 15.35
N GLU A 87 -7.71 -8.92 14.59
CA GLU A 87 -8.70 -9.89 14.17
C GLU A 87 -8.16 -10.55 12.89
N LYS A 88 -7.70 -11.79 13.01
CA LYS A 88 -6.98 -12.40 11.90
C LYS A 88 -7.82 -12.44 10.63
N ASN A 89 -9.12 -12.64 10.78
CA ASN A 89 -10.00 -12.94 9.66
C ASN A 89 -10.62 -11.69 9.02
N HIS A 90 -10.29 -10.49 9.47
CA HIS A 90 -10.93 -9.28 8.97
C HIS A 90 -10.00 -8.52 8.04
N ILE A 91 -10.58 -7.99 6.95
CA ILE A 91 -9.84 -7.24 5.93
C ILE A 91 -10.71 -6.11 5.44
N ALA A 92 -10.10 -4.94 5.27
CA ALA A 92 -10.78 -3.77 4.74
C ALA A 92 -10.42 -3.58 3.27
N SER A 93 -11.38 -3.05 2.53
CA SER A 93 -11.16 -2.66 1.14
C SER A 93 -11.67 -1.25 0.90
N SER A 94 -11.06 -0.58 -0.05
CA SER A 94 -11.56 0.67 -0.62
C SER A 94 -11.91 0.46 -2.07
N ASP A 95 -12.96 1.14 -2.56
CA ASP A 95 -13.43 0.90 -3.92
C ASP A 95 -13.74 2.20 -4.68
N TYR A 96 -14.00 1.99 -5.98
CA TYR A 96 -14.18 3.10 -6.91
C TYR A 96 -15.47 3.88 -6.68
N GLU A 97 -16.41 3.33 -5.92
CA GLU A 97 -17.61 4.07 -5.53
C GLU A 97 -17.36 4.94 -4.30
N GLY A 98 -16.20 4.81 -3.68
CA GLY A 98 -15.91 5.48 -2.44
C GLY A 98 -16.20 4.65 -1.20
N ILE A 99 -16.71 3.45 -1.36
CA ILE A 99 -17.10 2.63 -0.22
CA ILE A 99 -17.10 2.65 -0.21
C ILE A 99 -15.86 2.02 0.42
N VAL A 100 -15.82 2.07 1.74
CA VAL A 100 -14.82 1.40 2.56
C VAL A 100 -15.55 0.27 3.27
N THR A 101 -15.14 -0.97 3.02
CA THR A 101 -15.83 -2.14 3.53
C THR A 101 -14.89 -2.93 4.42
N VAL A 102 -15.39 -3.42 5.56
CA VAL A 102 -14.68 -4.40 6.36
C VAL A 102 -15.37 -5.73 6.15
N TRP A 103 -14.60 -6.73 5.76
CA TRP A 103 -15.06 -8.07 5.45
C TRP A 103 -14.51 -9.07 6.47
N ASP A 104 -15.29 -10.12 6.68
CA ASP A 104 -14.81 -11.32 7.36
C ASP A 104 -14.58 -12.42 6.34
N VAL A 105 -13.32 -12.84 6.18
CA VAL A 105 -12.98 -13.81 5.15
C VAL A 105 -13.44 -15.23 5.48
N THR A 106 -13.85 -15.49 6.73
CA THR A 106 -14.41 -16.80 7.04
C THR A 106 -15.89 -16.87 6.65
N THR A 107 -16.66 -15.82 6.97
CA THR A 107 -18.08 -15.86 6.63
C THR A 107 -18.40 -15.31 5.26
N ARG A 108 -17.44 -14.61 4.65
CA ARG A 108 -17.57 -13.91 3.37
C ARG A 108 -18.44 -12.66 3.46
N GLN A 109 -18.86 -12.27 4.64
CA GLN A 109 -19.81 -11.18 4.73
C GLN A 109 -19.11 -9.87 4.93
N SER A 110 -19.76 -8.81 4.45
CA SER A 110 -19.34 -7.47 4.79
C SER A 110 -19.84 -7.19 6.20
N LEU A 111 -18.92 -6.82 7.08
CA LEU A 111 -19.23 -6.45 8.44
C LEU A 111 -19.62 -5.00 8.56
N MET A 112 -18.93 -4.12 7.84
CA MET A 112 -19.22 -2.69 7.83
C MET A 112 -19.11 -2.20 6.40
N GLU A 113 -20.01 -1.28 6.01
CA GLU A 113 -19.96 -0.63 4.71
C GLU A 113 -20.05 0.87 5.00
N TYR A 114 -18.93 1.54 4.89
CA TYR A 114 -18.81 2.96 5.19
C TYR A 114 -18.93 3.71 3.88
N GLU A 115 -19.94 4.59 3.78
CA GLU A 115 -20.36 5.15 2.49
C GLU A 115 -20.35 6.67 2.43
N GLU A 116 -19.60 7.33 3.31
CA GLU A 116 -19.61 8.78 3.34
C GLU A 116 -18.82 9.41 2.21
N HIS A 117 -17.75 8.76 1.75
CA HIS A 117 -16.99 9.34 0.66
C HIS A 117 -17.90 9.48 -0.57
N GLU A 118 -17.75 10.60 -1.28
CA GLU A 118 -18.57 10.93 -2.43
C GLU A 118 -17.92 10.51 -3.74
N LYS A 119 -16.65 10.14 -3.72
CA LYS A 119 -15.93 9.73 -4.91
CA LYS A 119 -15.93 9.73 -4.90
C LYS A 119 -15.05 8.55 -4.53
N ARG A 120 -14.48 7.92 -5.56
CA ARG A 120 -13.47 6.88 -5.44
C ARG A 120 -12.58 7.08 -4.23
N ALA A 121 -12.44 6.03 -3.44
CA ALA A 121 -11.47 5.97 -2.37
C ALA A 121 -10.27 5.19 -2.89
N TRP A 122 -9.09 5.75 -2.74
CA TRP A 122 -7.89 5.13 -3.29
C TRP A 122 -7.15 4.26 -2.31
N SER A 123 -7.40 4.42 -1.01
CA SER A 123 -6.54 3.80 -0.01
CA SER A 123 -6.57 3.74 -0.04
C SER A 123 -7.29 3.59 1.28
N VAL A 124 -6.95 2.50 1.98
CA VAL A 124 -7.46 2.20 3.32
C VAL A 124 -6.30 1.59 4.10
N ASP A 125 -6.27 1.87 5.40
CA ASP A 125 -5.28 1.27 6.30
C ASP A 125 -5.84 1.04 7.69
N PHE A 126 -5.71 -0.20 8.18
CA PHE A 126 -6.03 -0.54 9.57
C PHE A 126 -4.84 -0.25 10.47
N SER A 127 -5.09 0.44 11.58
CA SER A 127 -4.04 0.73 12.54
C SER A 127 -3.51 -0.54 13.20
N ARG A 128 -2.20 -0.58 13.42
CA ARG A 128 -1.58 -1.70 14.10
C ARG A 128 -1.81 -1.65 15.61
N THR A 129 -1.80 -0.46 16.20
CA THR A 129 -1.81 -0.31 17.65
C THR A 129 -3.19 -0.09 18.26
N GLU A 130 -4.14 0.42 17.49
CA GLU A 130 -5.55 0.53 17.90
CA GLU A 130 -5.54 0.52 17.89
C GLU A 130 -6.32 -0.15 16.78
N PRO A 131 -6.45 -1.48 16.84
CA PRO A 131 -6.80 -2.25 15.62
C PRO A 131 -8.23 -2.11 15.18
N SER A 132 -9.10 -1.50 15.97
CA SER A 132 -10.45 -1.18 15.53
CA SER A 132 -10.45 -1.20 15.50
C SER A 132 -10.50 0.07 14.65
N MET A 133 -9.39 0.79 14.51
CA MET A 133 -9.36 2.06 13.79
C MET A 133 -8.83 1.84 12.38
N LEU A 134 -9.47 2.49 11.41
CA LEU A 134 -9.04 2.44 10.02
C LEU A 134 -9.21 3.82 9.41
N VAL A 135 -8.34 4.12 8.45
CA VAL A 135 -8.34 5.43 7.79
C VAL A 135 -8.45 5.21 6.29
N SER A 136 -9.17 6.12 5.62
CA SER A 136 -9.33 6.10 4.17
C SER A 136 -9.12 7.48 3.57
N GLY A 137 -8.73 7.49 2.30
CA GLY A 137 -8.59 8.73 1.55
C GLY A 137 -9.20 8.60 0.17
N SER A 138 -9.65 9.73 -0.37
CA SER A 138 -10.49 9.72 -1.56
C SER A 138 -10.24 10.90 -2.49
N ASP A 139 -10.66 10.69 -3.75
CA ASP A 139 -10.72 11.78 -4.72
C ASP A 139 -11.63 12.92 -4.26
N ASP A 140 -12.52 12.67 -3.29
CA ASP A 140 -13.36 13.74 -2.74
C ASP A 140 -12.58 14.69 -1.85
N CYS A 141 -11.27 14.50 -1.71
CA CYS A 141 -10.39 15.39 -0.98
C CYS A 141 -10.58 15.30 0.53
N LYS A 142 -11.14 14.19 1.00
CA LYS A 142 -11.33 13.97 2.42
CA LYS A 142 -11.33 13.97 2.42
C LYS A 142 -10.51 12.78 2.88
N VAL A 143 -10.02 12.88 4.12
CA VAL A 143 -9.48 11.76 4.88
C VAL A 143 -10.53 11.45 5.93
N LYS A 144 -10.93 10.18 6.05
CA LYS A 144 -11.89 9.77 7.07
C LYS A 144 -11.29 8.68 7.93
N VAL A 145 -11.49 8.83 9.23
CA VAL A 145 -11.07 7.83 10.22
C VAL A 145 -12.33 7.18 10.74
N TRP A 146 -12.30 5.85 10.78
CA TRP A 146 -13.43 5.03 11.14
C TRP A 146 -13.03 4.11 12.29
N CYS A 147 -14.03 3.73 13.08
CA CYS A 147 -13.90 2.70 14.10
C CYS A 147 -14.88 1.59 13.76
N THR A 148 -14.42 0.32 13.84
CA THR A 148 -15.28 -0.79 13.46
C THR A 148 -16.53 -0.92 14.34
N ARG A 149 -16.56 -0.28 15.51
CA ARG A 149 -17.73 -0.31 16.39
C ARG A 149 -18.73 0.82 16.13
N GLN A 150 -18.47 1.69 15.16
CA GLN A 150 -19.33 2.84 14.91
CA GLN A 150 -19.31 2.87 14.90
C GLN A 150 -19.59 2.99 13.41
N GLU A 151 -20.85 3.27 13.08
CA GLU A 151 -21.23 3.42 11.66
C GLU A 151 -20.76 4.73 11.04
N ALA A 152 -20.72 5.82 11.80
CA ALA A 152 -20.33 7.13 11.27
C ALA A 152 -18.83 7.34 11.47
N SER A 153 -18.22 8.08 10.56
CA SER A 153 -16.81 8.40 10.71
C SER A 153 -16.57 9.09 12.05
N VAL A 154 -15.40 8.83 12.62
CA VAL A 154 -15.03 9.46 13.88
CA VAL A 154 -14.96 9.43 13.88
C VAL A 154 -14.27 10.77 13.64
N ILE A 155 -13.46 10.84 12.59
CA ILE A 155 -12.72 12.06 12.24
C ILE A 155 -12.87 12.26 10.74
N ASN A 156 -13.03 13.50 10.32
CA ASN A 156 -13.06 13.90 8.92
C ASN A 156 -12.11 15.07 8.75
N ILE A 157 -11.19 14.95 7.79
CA ILE A 157 -10.25 16.02 7.46
C ILE A 157 -10.55 16.47 6.04
N ASP A 158 -10.92 17.73 5.87
CA ASP A 158 -11.18 18.28 4.55
CA ASP A 158 -11.19 18.31 4.56
C ASP A 158 -9.87 18.85 4.02
N MET A 159 -9.43 18.30 2.90
CA MET A 159 -8.18 18.65 2.24
CA MET A 159 -8.19 18.75 2.29
C MET A 159 -8.47 19.40 0.94
N LYS A 160 -7.42 19.97 0.37
CA LYS A 160 -7.56 20.79 -0.83
C LYS A 160 -7.45 20.00 -2.12
N ALA A 161 -6.95 18.77 -2.08
CA ALA A 161 -6.66 18.02 -3.28
C ALA A 161 -6.91 16.53 -3.06
N ASN A 162 -6.98 15.81 -4.17
CA ASN A 162 -7.29 14.38 -4.12
C ASN A 162 -6.29 13.65 -3.23
N ILE A 163 -6.77 12.75 -2.40
CA ILE A 163 -5.93 11.93 -1.54
C ILE A 163 -5.71 10.58 -2.19
N CYS A 164 -4.44 10.24 -2.39
CA CYS A 164 -4.08 9.03 -3.08
C CYS A 164 -3.68 7.90 -2.14
N CSO A 165 -3.26 8.21 -0.94
CA CSO A 165 -2.81 7.15 -0.02
CA CSO A 165 -2.77 7.19 -0.02
CB CSO A 165 -1.41 6.56 -0.36
CB CSO A 165 -1.33 6.77 -0.33
SG CSO A 165 -1.00 5.24 0.86
SG CSO A 165 -0.22 8.20 -0.54
C CSO A 165 -2.85 7.70 1.42
O CSO A 165 -2.61 8.90 1.68
OD CSO A 165 0.30 4.04 0.63
HA CSO A 165 -3.42 6.38 -0.11
HA CSO A 165 -3.32 6.38 -0.11
HB2 CSO A 165 -0.74 7.25 -0.30
HB2 CSO A 165 -1.32 6.25 -1.16
HB3 CSO A 165 -1.43 6.17 -1.25
HB3 CSO A 165 -0.99 6.22 0.40
HD CSO A 165 0.36 3.47 1.41
N VAL A 166 -3.15 6.81 2.35
CA VAL A 166 -3.18 7.09 3.78
C VAL A 166 -2.48 5.94 4.51
N LYS A 167 -1.77 6.23 5.59
CA LYS A 167 -1.12 5.17 6.34
C LYS A 167 -0.97 5.59 7.79
N TYR A 168 -1.34 4.72 8.72
CA TYR A 168 -1.06 4.92 10.12
C TYR A 168 0.42 4.70 10.45
N ASN A 169 0.94 5.54 11.33
CA ASN A 169 2.23 5.27 11.97
C ASN A 169 2.15 3.91 12.67
N PRO A 170 3.22 3.09 12.60
CA PRO A 170 3.15 1.73 13.16
C PRO A 170 3.20 1.68 14.67
N GLY A 171 3.63 2.78 15.32
CA GLY A 171 3.77 2.80 16.75
C GLY A 171 2.68 3.55 17.49
N SER A 172 1.88 4.35 16.79
CA SER A 172 0.83 5.12 17.45
C SER A 172 -0.29 5.41 16.47
N SER A 173 -1.53 5.20 16.93
CA SER A 173 -2.71 5.50 16.14
C SER A 173 -3.03 6.99 16.13
N ASN A 174 -2.21 7.82 16.77
CA ASN A 174 -2.44 9.25 16.68
C ASN A 174 -1.87 9.90 15.42
N TYR A 175 -1.03 9.21 14.65
CA TYR A 175 -0.40 9.85 13.49
C TYR A 175 -0.74 9.11 12.21
N ILE A 176 -1.07 9.88 11.17
CA ILE A 176 -1.26 9.35 9.82
C ILE A 176 -0.45 10.17 8.83
N ALA A 177 0.11 9.49 7.84
CA ALA A 177 0.68 10.13 6.66
C ALA A 177 -0.36 10.11 5.53
N VAL A 178 -0.47 11.22 4.82
CA VAL A 178 -1.46 11.42 3.77
C VAL A 178 -0.73 11.89 2.52
N GLY A 179 -0.76 11.09 1.46
CA GLY A 179 -0.13 11.47 0.20
C GLY A 179 -1.17 12.07 -0.72
N SER A 180 -0.88 13.24 -1.25
CA SER A 180 -1.84 14.04 -1.97
C SER A 180 -1.43 14.31 -3.41
N ALA A 181 -2.45 14.53 -4.23
CA ALA A 181 -2.25 15.00 -5.59
C ALA A 181 -1.65 16.40 -5.63
N ASP A 182 -1.57 17.10 -4.50
CA ASP A 182 -0.89 18.39 -4.45
C ASP A 182 0.63 18.26 -4.41
N HIS A 183 1.17 17.06 -4.48
CA HIS A 183 2.60 16.75 -4.51
C HIS A 183 3.21 16.65 -3.12
N HIS A 184 2.43 16.78 -2.05
CA HIS A 184 2.98 16.82 -0.71
C HIS A 184 2.48 15.65 0.13
N ILE A 185 3.25 15.35 1.19
CA ILE A 185 2.82 14.41 2.23
C ILE A 185 2.40 15.24 3.43
N HIS A 186 1.15 15.10 3.84
CA HIS A 186 0.61 15.80 4.99
C HIS A 186 0.62 14.82 6.15
N TYR A 187 1.35 15.15 7.20
CA TYR A 187 1.52 14.27 8.35
C TYR A 187 0.70 14.86 9.49
N TYR A 188 -0.35 14.13 9.89
CA TYR A 188 -1.33 14.63 10.85
C TYR A 188 -1.23 13.92 12.20
N ASP A 189 -1.42 14.70 13.26
CA ASP A 189 -1.75 14.23 14.59
C ASP A 189 -3.26 14.32 14.70
N LEU A 190 -3.93 13.16 14.77
CA LEU A 190 -5.38 13.10 14.76
C LEU A 190 -6.02 13.68 16.02
N ARG A 191 -5.21 13.99 17.04
CA ARG A 191 -5.70 14.69 18.22
C ARG A 191 -5.92 16.17 17.97
N ASN A 192 -5.37 16.72 16.89
CA ASN A 192 -5.61 18.13 16.54
C ASN A 192 -5.46 18.26 15.02
N ILE A 193 -6.57 18.13 14.31
CA ILE A 193 -6.52 18.09 12.85
C ILE A 193 -6.64 19.47 12.22
N SER A 194 -6.66 20.53 13.04
CA SER A 194 -6.81 21.85 12.44
C SER A 194 -5.63 22.21 11.56
N GLN A 195 -4.45 21.63 11.82
CA GLN A 195 -3.27 21.82 11.02
C GLN A 195 -2.47 20.52 11.08
N PRO A 196 -1.84 20.11 9.99
CA PRO A 196 -0.93 18.96 10.07
C PRO A 196 0.24 19.28 10.99
N LEU A 197 0.86 18.22 11.54
CA LEU A 197 2.12 18.41 12.24
C LEU A 197 3.19 18.99 11.32
N HIS A 198 3.25 18.49 10.09
CA HIS A 198 4.25 18.89 9.14
C HIS A 198 3.74 18.48 7.76
N VAL A 199 4.14 19.23 6.76
CA VAL A 199 3.85 18.90 5.36
C VAL A 199 5.19 18.79 4.66
N PHE A 200 5.45 17.62 4.05
CA PHE A 200 6.74 17.30 3.46
C PHE A 200 6.63 17.57 1.97
N SER A 201 7.40 18.55 1.51
CA SER A 201 7.54 18.87 0.10
CA SER A 201 7.55 18.87 0.10
C SER A 201 8.85 18.30 -0.43
N GLY A 202 8.83 17.92 -1.71
CA GLY A 202 9.97 17.40 -2.40
C GLY A 202 9.58 16.68 -3.67
N HIS A 203 8.52 15.90 -3.61
CA HIS A 203 8.02 15.28 -4.83
C HIS A 203 7.51 16.35 -5.81
N LYS A 204 7.69 16.06 -7.09
CA LYS A 204 7.34 16.98 -8.17
C LYS A 204 6.03 16.61 -8.85
N LYS A 205 5.42 15.53 -8.42
CA LYS A 205 4.14 15.05 -8.92
C LYS A 205 3.37 14.50 -7.73
N ALA A 206 2.16 14.01 -7.98
CA ALA A 206 1.32 13.45 -6.94
C ALA A 206 2.06 12.36 -6.17
N VAL A 207 1.74 12.28 -4.87
CA VAL A 207 2.26 11.24 -3.99
C VAL A 207 1.28 10.08 -3.98
N SER A 208 1.69 8.95 -4.54
CA SER A 208 0.81 7.82 -4.74
C SER A 208 0.84 6.79 -3.62
N TYR A 209 1.92 6.71 -2.85
CA TYR A 209 1.97 5.81 -1.71
C TYR A 209 2.77 6.45 -0.58
N VAL A 210 2.40 6.06 0.66
CA VAL A 210 3.16 6.35 1.87
C VAL A 210 3.21 5.10 2.74
N LYS A 211 4.39 4.76 3.23
CA LYS A 211 4.60 3.54 4.01
CA LYS A 211 4.59 3.55 4.01
C LYS A 211 5.71 3.80 5.02
N PHE A 212 5.56 3.27 6.23
CA PHE A 212 6.55 3.49 7.27
C PHE A 212 7.53 2.31 7.39
N LEU A 213 8.83 2.63 7.45
CA LEU A 213 9.83 1.61 7.77
C LEU A 213 9.90 1.36 9.27
N SER A 214 9.55 2.35 10.08
CA SER A 214 9.68 2.32 11.53
C SER A 214 8.87 3.49 12.06
N ASN A 215 8.89 3.67 13.38
CA ASN A 215 8.11 4.75 13.98
C ASN A 215 8.49 6.11 13.42
N ASN A 216 9.78 6.31 13.11
CA ASN A 216 10.26 7.63 12.72
C ASN A 216 10.65 7.76 11.25
N GLU A 217 10.55 6.69 10.47
CA GLU A 217 11.01 6.65 9.09
C GLU A 217 9.82 6.43 8.17
N LEU A 218 9.56 7.41 7.32
CA LEU A 218 8.45 7.35 6.37
C LEU A 218 8.99 7.34 4.94
N ALA A 219 8.45 6.46 4.10
CA ALA A 219 8.77 6.42 2.69
C ALA A 219 7.56 6.85 1.87
N SER A 220 7.83 7.39 0.69
CA SER A 220 6.78 7.74 -0.24
C SER A 220 7.18 7.41 -1.68
N ALA A 221 6.18 7.26 -2.52
CA ALA A 221 6.34 7.09 -3.96
C ALA A 221 5.51 8.15 -4.67
N SER A 222 5.96 8.51 -5.87
CA SER A 222 5.33 9.58 -6.63
C SER A 222 5.51 9.31 -8.12
N THR A 223 4.61 9.87 -8.91
CA THR A 223 4.70 9.80 -10.35
C THR A 223 5.75 10.77 -10.94
N ASP A 224 6.66 11.24 -10.10
CA ASP A 224 7.90 11.88 -10.53
C ASP A 224 9.04 10.88 -10.65
N SER A 225 8.72 9.58 -10.67
CA SER A 225 9.70 8.51 -10.82
C SER A 225 10.72 8.49 -9.68
N THR A 226 10.30 8.86 -8.47
CA THR A 226 11.17 8.75 -7.32
C THR A 226 10.43 8.08 -6.15
N LEU A 227 11.20 7.42 -5.29
CA LEU A 227 10.78 7.18 -3.91
C LEU A 227 11.56 8.17 -3.05
N ARG A 228 10.98 8.53 -1.90
CA ARG A 228 11.68 9.42 -0.97
C ARG A 228 11.51 8.91 0.44
N LEU A 229 12.54 9.17 1.25
CA LEU A 229 12.59 8.78 2.66
C LEU A 229 12.63 10.04 3.50
N TRP A 230 11.86 10.03 4.58
CA TRP A 230 11.63 11.20 5.42
C TRP A 230 11.72 10.81 6.89
N ASP A 231 12.13 11.76 7.71
CA ASP A 231 12.27 11.60 9.16
C ASP A 231 11.11 12.36 9.78
N VAL A 232 10.16 11.63 10.39
CA VAL A 232 8.96 12.24 10.93
C VAL A 232 9.10 12.59 12.39
N LYS A 233 10.27 12.34 12.99
CA LYS A 233 10.57 12.86 14.32
C LYS A 233 11.06 14.30 14.23
N ASP A 234 12.02 14.55 13.36
CA ASP A 234 12.63 15.86 13.20
C ASP A 234 12.19 16.59 11.95
N ASN A 235 11.29 16.00 11.16
CA ASN A 235 10.66 16.62 10.00
C ASN A 235 11.69 17.03 8.94
N LEU A 236 12.45 16.03 8.49
CA LEU A 236 13.55 16.25 7.56
C LEU A 236 13.42 15.36 6.34
N PRO A 237 13.84 15.87 5.17
CA PRO A 237 14.10 14.97 4.04
C PRO A 237 15.34 14.17 4.32
N VAL A 238 15.36 12.91 3.89
CA VAL A 238 16.51 12.04 4.11
C VAL A 238 17.18 11.66 2.80
N ARG A 239 16.44 11.04 1.87
CA ARG A 239 17.04 10.45 0.68
C ARG A 239 16.00 10.34 -0.42
N THR A 240 16.47 10.42 -1.66
CA THR A 240 15.65 10.19 -2.87
C THR A 240 16.23 9.00 -3.61
N PHE A 241 15.34 8.08 -4.03
CA PHE A 241 15.70 6.85 -4.71
C PHE A 241 15.23 6.93 -6.15
N ARG A 242 16.12 6.54 -7.08
CA ARG A 242 15.84 6.66 -8.50
CA ARG A 242 15.83 6.66 -8.50
C ARG A 242 16.33 5.43 -9.24
N GLY A 243 15.64 5.14 -10.36
CA GLY A 243 16.01 4.06 -11.27
C GLY A 243 14.83 3.50 -12.05
N HIS A 244 13.70 3.39 -11.36
CA HIS A 244 12.46 2.87 -11.92
C HIS A 244 11.76 3.96 -12.73
N THR A 245 10.78 3.53 -13.53
CA THR A 245 9.94 4.44 -14.32
C THR A 245 8.53 4.45 -13.72
N ASN A 246 8.10 5.61 -13.26
CA ASN A 246 6.76 5.76 -12.72
C ASN A 246 6.30 7.18 -12.98
N GLU A 247 5.70 7.40 -14.13
CA GLU A 247 5.22 8.71 -14.56
C GLU A 247 3.70 8.81 -14.63
N LYS A 248 2.98 7.72 -14.40
CA LYS A 248 1.55 7.65 -14.70
C LYS A 248 0.73 6.83 -13.71
N ASN A 249 1.13 5.61 -13.45
CA ASN A 249 0.27 4.63 -12.80
C ASN A 249 0.57 4.47 -11.31
N PHE A 250 -0.39 3.86 -10.61
CA PHE A 250 -0.14 3.29 -9.28
C PHE A 250 0.64 1.99 -9.48
N VAL A 251 1.91 1.96 -9.10
CA VAL A 251 2.79 0.82 -9.36
C VAL A 251 3.19 0.05 -8.11
N GLY A 252 2.76 0.49 -6.94
CA GLY A 252 3.02 -0.22 -5.70
C GLY A 252 4.28 0.24 -4.96
N LEU A 253 4.18 0.31 -3.64
CA LEU A 253 5.31 0.56 -2.77
C LEU A 253 5.16 -0.31 -1.53
N THR A 254 6.25 -0.96 -1.13
CA THR A 254 6.25 -1.71 0.11
C THR A 254 7.61 -1.53 0.76
N VAL A 255 7.62 -1.41 2.09
CA VAL A 255 8.87 -1.21 2.80
C VAL A 255 8.91 -2.11 4.03
N ASN A 256 10.13 -2.39 4.50
CA ASN A 256 10.33 -3.02 5.80
C ASN A 256 11.44 -2.23 6.50
N SER A 257 12.07 -2.85 7.49
CA SER A 257 13.01 -2.10 8.32
CA SER A 257 13.03 -2.12 8.32
C SER A 257 14.20 -1.59 7.52
N GLU A 258 14.57 -2.28 6.44
CA GLU A 258 15.76 -1.93 5.70
C GLU A 258 15.57 -1.66 4.22
N TYR A 259 14.52 -2.18 3.60
CA TYR A 259 14.37 -2.16 2.16
C TYR A 259 13.07 -1.50 1.70
N LEU A 260 13.14 -0.92 0.52
CA LEU A 260 11.99 -0.39 -0.18
C LEU A 260 11.88 -1.16 -1.49
N ALA A 261 10.67 -1.53 -1.87
CA ALA A 261 10.43 -2.11 -3.17
C ALA A 261 9.27 -1.39 -3.84
N CYS A 262 9.37 -1.26 -5.16
CA CYS A 262 8.30 -0.58 -5.91
C CYS A 262 8.21 -1.19 -7.30
N GLY A 263 7.06 -0.97 -7.92
CA GLY A 263 6.87 -1.35 -9.31
C GLY A 263 7.42 -0.30 -10.28
N SER A 264 7.22 -0.60 -11.56
CA SER A 264 7.63 0.30 -12.62
CA SER A 264 7.67 0.26 -12.64
C SER A 264 6.77 0.03 -13.84
N GLU A 265 6.65 1.07 -14.68
CA GLU A 265 5.91 1.01 -15.94
C GLU A 265 6.68 0.26 -17.02
N THR A 266 7.87 -0.22 -16.68
CA THR A 266 8.61 -1.13 -17.54
C THR A 266 8.38 -2.59 -17.20
N ASN A 267 7.37 -2.89 -16.37
CA ASN A 267 7.07 -4.28 -16.00
C ASN A 267 8.23 -4.91 -15.24
N GLU A 268 8.87 -4.11 -14.41
CA GLU A 268 9.97 -4.53 -13.55
C GLU A 268 9.70 -4.15 -12.10
N VAL A 269 10.08 -5.01 -11.18
CA VAL A 269 10.09 -4.72 -9.75
CA VAL A 269 10.08 -4.67 -9.77
C VAL A 269 11.48 -4.23 -9.38
N TYR A 270 11.56 -3.16 -8.60
CA TYR A 270 12.82 -2.58 -8.13
C TYR A 270 12.93 -2.74 -6.61
N VAL A 271 14.15 -3.00 -6.14
CA VAL A 271 14.45 -3.02 -4.72
C VAL A 271 15.58 -2.06 -4.40
N TYR A 272 15.37 -1.23 -3.37
CA TYR A 272 16.36 -0.31 -2.85
C TYR A 272 16.64 -0.66 -1.39
N HIS A 273 17.92 -0.63 -1.00
CA HIS A 273 18.26 -0.54 0.41
C HIS A 273 18.10 0.91 0.83
N LYS A 274 17.56 1.12 2.04
CA LYS A 274 17.22 2.48 2.45
C LYS A 274 18.42 3.43 2.51
N GLU A 275 19.64 2.94 2.56
CA GLU A 275 20.83 3.79 2.62
CA GLU A 275 20.79 3.85 2.61
C GLU A 275 21.44 4.10 1.26
N ILE A 276 20.89 3.56 0.18
N ILE A 276 20.93 3.51 0.19
CA ILE A 276 21.52 3.62 -1.14
CA ILE A 276 21.52 3.62 -1.14
C ILE A 276 20.52 4.10 -2.18
C ILE A 276 20.49 4.16 -2.11
N THR A 277 20.89 5.15 -2.93
CA THR A 277 19.92 5.85 -3.76
C THR A 277 19.58 5.14 -5.06
N ARG A 278 20.39 4.21 -5.52
CA ARG A 278 20.11 3.48 -6.74
C ARG A 278 19.89 2.00 -6.43
N PRO A 279 19.20 1.27 -7.31
CA PRO A 279 18.65 -0.03 -6.89
C PRO A 279 19.71 -1.05 -6.52
N VAL A 280 19.40 -1.87 -5.52
CA VAL A 280 20.28 -3.01 -5.31
CA VAL A 280 20.15 -3.09 -5.22
C VAL A 280 19.96 -4.12 -6.32
N THR A 281 18.72 -4.26 -6.78
CA THR A 281 18.39 -5.21 -7.83
C THR A 281 17.03 -4.86 -8.42
N SER A 282 16.71 -5.58 -9.50
CA SER A 282 15.43 -5.44 -10.19
C SER A 282 15.11 -6.78 -10.82
N HIS A 283 13.84 -6.96 -11.18
CA HIS A 283 13.36 -8.19 -11.78
C HIS A 283 12.38 -7.85 -12.90
N ARG A 284 12.64 -8.38 -14.09
CA ARG A 284 11.72 -8.21 -15.21
C ARG A 284 10.63 -9.27 -15.08
N PHE A 285 9.37 -8.83 -15.01
CA PHE A 285 8.28 -9.76 -14.74
C PHE A 285 8.02 -10.69 -15.89
N GLY A 286 8.22 -10.22 -17.12
CA GLY A 286 7.87 -11.00 -18.30
C GLY A 286 6.44 -10.81 -18.78
N GLY A 298 5.50 -1.14 -20.03
CA GLY A 298 5.39 -0.68 -21.40
C GLY A 298 4.08 -1.12 -22.01
N SER A 299 3.99 -2.42 -22.29
CA SER A 299 2.69 -3.04 -22.45
C SER A 299 2.08 -3.41 -21.10
N TYR A 300 2.92 -3.58 -20.07
CA TYR A 300 2.44 -3.94 -18.73
C TYR A 300 3.17 -3.12 -17.68
N PHE A 301 2.53 -2.99 -16.52
CA PHE A 301 3.15 -2.32 -15.38
C PHE A 301 2.97 -3.17 -14.12
N ILE A 302 3.97 -3.17 -13.26
CA ILE A 302 3.79 -3.72 -11.93
C ILE A 302 2.75 -2.87 -11.23
N SER A 303 1.84 -3.51 -10.51
CA SER A 303 0.71 -2.81 -9.92
C SER A 303 0.57 -3.01 -8.41
N ALA A 304 1.26 -3.96 -7.81
CA ALA A 304 1.16 -4.15 -6.37
C ALA A 304 2.35 -4.93 -5.87
N VAL A 305 2.82 -4.57 -4.68
CA VAL A 305 3.95 -5.26 -4.05
C VAL A 305 3.75 -5.30 -2.55
N CYS A 306 4.31 -6.32 -1.88
CA CYS A 306 4.18 -6.43 -0.42
CA CYS A 306 4.24 -6.37 -0.42
C CYS A 306 5.27 -7.33 0.16
N TRP A 307 6.14 -6.78 1.00
CA TRP A 307 7.11 -7.62 1.70
C TRP A 307 6.40 -8.54 2.68
N LYS A 308 7.00 -9.72 2.87
CA LYS A 308 6.64 -10.62 3.98
C LYS A 308 7.41 -10.16 5.21
N SER A 309 6.86 -9.16 5.88
CA SER A 309 7.45 -8.54 7.08
C SER A 309 8.89 -8.15 6.82
N ASP A 310 9.85 -8.44 7.71
CA ASP A 310 11.22 -8.01 7.52
CA ASP A 310 11.24 -8.04 7.57
C ASP A 310 12.09 -9.04 6.81
N SER A 311 11.48 -10.00 6.14
CA SER A 311 12.21 -11.05 5.44
C SER A 311 12.51 -10.61 4.03
N PRO A 312 13.39 -11.32 3.34
CA PRO A 312 13.66 -11.02 1.93
C PRO A 312 12.59 -11.51 0.97
N THR A 313 11.49 -12.09 1.44
CA THR A 313 10.41 -12.57 0.58
C THR A 313 9.37 -11.48 0.33
N MET A 314 8.85 -11.43 -0.90
CA MET A 314 7.92 -10.40 -1.35
CA MET A 314 7.85 -10.44 -1.23
C MET A 314 6.84 -10.99 -2.23
N LEU A 315 5.64 -10.45 -2.14
CA LEU A 315 4.58 -10.72 -3.11
C LEU A 315 4.58 -9.57 -4.12
N THR A 316 4.27 -9.91 -5.37
CA THR A 316 4.19 -8.92 -6.43
C THR A 316 3.08 -9.30 -7.40
N ALA A 317 2.49 -8.30 -8.06
CA ALA A 317 1.48 -8.55 -9.06
C ALA A 317 1.58 -7.46 -10.11
N ASN A 318 1.14 -7.76 -11.32
CA ASN A 318 1.20 -6.79 -12.41
C ASN A 318 -0.17 -6.59 -13.06
N SER A 319 -0.17 -5.71 -14.06
CA SER A 319 -1.40 -5.25 -14.68
C SER A 319 -2.08 -6.31 -15.52
N GLN A 320 -1.40 -7.45 -15.78
CA GLN A 320 -2.03 -8.60 -16.41
C GLN A 320 -2.71 -9.50 -15.39
N GLY A 321 -2.50 -9.26 -14.10
CA GLY A 321 -3.05 -10.10 -13.07
C GLY A 321 -2.20 -11.29 -12.70
N THR A 322 -0.97 -11.33 -13.16
CA THR A 322 -0.04 -12.37 -12.72
C THR A 322 0.51 -12.00 -11.35
N ILE A 323 0.66 -13.01 -10.50
CA ILE A 323 1.21 -12.87 -9.17
C ILE A 323 2.50 -13.66 -9.11
N LYS A 324 3.55 -13.07 -8.54
CA LYS A 324 4.78 -13.80 -8.29
C LYS A 324 5.24 -13.64 -6.86
N VAL A 325 5.76 -14.71 -6.29
CA VAL A 325 6.46 -14.65 -5.03
C VAL A 325 7.95 -14.58 -5.36
N LEU A 326 8.60 -13.52 -4.88
CA LEU A 326 10.01 -13.29 -5.14
C LEU A 326 10.77 -13.31 -3.82
N VAL A 327 12.06 -13.62 -3.90
CA VAL A 327 12.93 -13.61 -2.73
CA VAL A 327 12.92 -13.59 -2.73
C VAL A 327 14.25 -12.98 -3.11
N LEU A 328 14.69 -11.99 -2.33
CA LEU A 328 16.04 -11.46 -2.51
C LEU A 328 17.06 -12.54 -2.26
N ALA A 329 18.12 -12.57 -3.07
CA ALA A 329 19.13 -13.60 -2.95
C ALA A 329 20.49 -13.03 -3.30
N ALA A 330 21.52 -13.62 -2.73
CA ALA A 330 22.90 -13.26 -3.02
C ALA A 330 23.19 -13.39 -4.50
N HIS B 3 -7.43 1.21 -15.25
CA HIS B 3 -6.52 2.24 -15.71
C HIS B 3 -5.47 2.52 -14.63
N PHE B 4 -5.95 2.69 -13.40
CA PHE B 4 -5.11 3.00 -12.23
C PHE B 4 -4.07 4.08 -12.53
N ILE B 5 -4.60 5.23 -12.95
CA ILE B 5 -3.82 6.44 -13.22
C ILE B 5 -3.87 7.36 -12.00
N VAL B 6 -2.71 7.80 -11.56
CA VAL B 6 -2.63 8.65 -10.36
C VAL B 6 -3.13 10.05 -10.70
N PRO B 7 -4.02 10.63 -9.90
CA PRO B 7 -4.50 11.99 -10.22
C PRO B 7 -3.37 12.99 -10.09
N ASP B 8 -3.42 14.01 -10.94
CA ASP B 8 -2.45 15.10 -10.80
C ASP B 8 -3.01 16.36 -11.44
N LEU B 9 -2.60 17.50 -10.88
CA LEU B 9 -2.98 18.85 -11.31
C LEU B 9 -3.84 19.45 -10.18
C1 MLI C . -16.09 -18.15 -3.01
C2 MLI C . -16.24 -18.63 -1.57
C3 MLI C . -16.78 -19.09 -3.97
O6 MLI C . -15.34 -19.37 -1.12
O7 MLI C . -17.23 -18.28 -0.87
O8 MLI C . -16.37 -20.26 -4.12
O9 MLI C . -17.76 -18.65 -4.64
H11 MLI C . -16.47 -17.26 -3.09
H12 MLI C . -15.15 -18.11 -3.23
C1 MLI D . 15.50 16.57 -3.97
C2 MLI D . 15.71 15.58 -5.11
C3 MLI D . 14.68 17.76 -4.46
O6 MLI D . 16.29 14.49 -4.82
O7 MLI D . 15.31 15.82 -6.28
O8 MLI D . 13.42 17.70 -4.49
O9 MLI D . 15.26 18.81 -4.81
H11 MLI D . 15.02 16.13 -3.25
H12 MLI D . 16.36 16.87 -3.66
C1 GOL E . 5.11 13.65 16.78
O1 GOL E . 5.75 14.90 17.02
C2 GOL E . 5.75 13.02 15.56
O2 GOL E . 7.13 13.02 15.65
C3 GOL E . 5.10 11.61 15.47
O3 GOL E . 5.73 10.90 14.40
H11 GOL E . 4.16 13.75 16.62
H12 GOL E . 5.20 13.04 17.53
HO1 GOL E . 6.58 14.79 16.83
H2 GOL E . 5.56 13.51 14.75
HO2 GOL E . 7.45 13.07 14.86
H31 GOL E . 4.15 11.71 15.34
H32 GOL E . 5.20 11.16 16.32
HO3 GOL E . 6.17 10.27 14.76
#